data_2BD2
#
_entry.id   2BD2
#
_cell.length_a   50.195
_cell.length_b   57.883
_cell.length_c   74.605
_cell.angle_alpha   90.00
_cell.angle_beta   90.00
_cell.angle_gamma   90.00
#
_symmetry.space_group_name_H-M   'P 21 21 21'
#
loop_
_entity.id
_entity.type
_entity.pdbx_description
1 polymer beta-casomorphin-7
2 polymer 'Chymotrypsin-like elastase family member 1'
3 non-polymer 'CALCIUM ION'
4 non-polymer 'SULFATE ION'
5 water water
#
loop_
_entity_poly.entity_id
_entity_poly.type
_entity_poly.pdbx_seq_one_letter_code
_entity_poly.pdbx_strand_id
1 'polypeptide(L)' YPFVEPIRF P
2 'polypeptide(L)'
;VVGGTEAQRNSWPSQISLQYRSGSSWAHTCGGTLIRQNWVMTAAHCVDRELTFRVVVGEHNLNQNNGTEQYVGVQKIVVH
PYWNTDDVAAGYDIALLRLAQSVTLNSYVQLGVLPRAGTILANNSPCYITGWGLTRTNGQLAQTLQQAYLPTVDYAICSS
SSYWGSTVKNSMVCAGGDGVRSGCQGDSGGPLHCLVNGQYAVHGVTSFVSRLGCNVTRKPTVFTRVSAYISWINNVIASN
;
A
#
loop_
_chem_comp.id
_chem_comp.type
_chem_comp.name
_chem_comp.formula
CA non-polymer 'CALCIUM ION' 'Ca 2'
SO4 non-polymer 'SULFATE ION' 'O4 S -2'
#
# COMPACT_ATOMS: atom_id res chain seq x y z
N ILE A 7 -9.38 -1.68 1.09
CA ILE A 7 -9.29 -0.22 1.00
C ILE A 7 -8.18 0.28 0.03
N ARG A 8 -8.57 1.10 -1.08
CA ARG A 8 -9.14 0.69 -2.37
C ARG A 8 -10.38 1.51 -2.71
N PHE A 9 -10.21 2.59 -3.47
CA PHE A 9 -11.33 3.45 -3.82
N VAL B 1 -5.97 8.09 4.23
CA VAL B 1 -5.38 8.00 5.58
C VAL B 1 -6.15 8.91 6.52
N VAL B 2 -6.70 8.32 7.58
CA VAL B 2 -7.49 9.07 8.56
C VAL B 2 -6.46 9.49 9.63
N GLY B 3 -6.57 10.72 10.12
CA GLY B 3 -5.68 11.21 11.17
C GLY B 3 -4.24 11.36 10.76
N GLY B 4 -4.04 11.65 9.47
CA GLY B 4 -2.72 11.83 8.93
C GLY B 4 -2.23 13.26 9.02
N THR B 5 -1.00 13.47 8.57
CA THR B 5 -0.43 14.80 8.36
C THR B 5 0.09 14.82 6.91
N GLU B 6 0.21 16.01 6.32
CA GLU B 6 0.74 16.04 4.96
C GLU B 6 2.22 15.63 4.94
N ALA B 7 2.54 14.66 4.09
CA ALA B 7 3.92 14.18 3.91
C ALA B 7 4.72 15.34 3.22
N GLN B 8 5.99 15.45 3.60
CA GLN B 8 6.90 16.28 2.82
C GLN B 8 7.07 15.62 1.43
N ARG B 9 7.24 16.45 0.40
CA ARG B 9 7.35 16.02 -1.01
C ARG B 9 8.39 14.92 -1.30
N ASN B 10 9.46 14.90 -0.52
CA ASN B 10 10.55 13.94 -0.76
C ASN B 10 10.74 12.87 0.31
N SER B 11 9.74 12.69 1.19
CA SER B 11 9.87 11.71 2.27
C SER B 11 9.77 10.25 1.80
N TRP B 12 8.83 9.99 0.89
CA TRP B 12 8.41 8.60 0.54
C TRP B 12 8.44 8.45 -0.98
N PRO B 13 9.64 8.55 -1.56
CA PRO B 13 9.72 8.63 -3.03
C PRO B 13 9.35 7.32 -3.76
N SER B 14 9.16 6.22 -3.02
CA SER B 14 8.70 4.99 -3.68
C SER B 14 7.18 4.89 -3.77
N GLN B 15 6.47 5.82 -3.14
CA GLN B 15 4.99 5.82 -3.20
C GLN B 15 4.52 6.18 -4.59
N ILE B 16 3.62 5.38 -5.14
CA ILE B 16 2.98 5.68 -6.41
C ILE B 16 1.48 5.82 -6.29
N SER B 17 0.87 6.47 -7.26
CA SER B 17 -0.61 6.53 -7.39
C SER B 17 -1.01 5.62 -8.54
N LEU B 18 -1.86 4.61 -8.26
CA LEU B 18 -2.40 3.76 -9.31
C LEU B 18 -3.78 4.29 -9.67
N GLN B 19 -3.96 4.62 -10.95
CA GLN B 19 -5.14 5.34 -11.42
C GLN B 19 -5.78 4.55 -12.55
N TYR B 20 -7.08 4.77 -12.73
CA TYR B 20 -7.78 4.15 -13.84
C TYR B 20 -8.43 5.19 -14.70
N ARG B 21 -8.59 4.82 -15.98
CA ARG B 21 -9.17 5.73 -16.94
C ARG B 21 -10.69 5.81 -16.68
N SER B 22 -11.18 7.03 -16.56
CA SER B 22 -12.57 7.31 -16.21
C SER B 22 -13.03 8.44 -17.14
N GLY B 23 -13.74 8.06 -18.20
CA GLY B 23 -14.10 8.98 -19.27
C GLY B 23 -12.90 9.57 -19.98
N SER B 24 -12.81 10.90 -19.95
CA SER B 24 -11.68 11.61 -20.55
C SER B 24 -10.59 11.92 -19.51
N SER B 25 -10.78 11.41 -18.29
CA SER B 25 -9.78 11.62 -17.24
C SER B 25 -9.31 10.34 -16.52
N TRP B 26 -8.52 10.55 -15.48
CA TRP B 26 -7.89 9.44 -14.72
C TRP B 26 -8.28 9.65 -13.27
N ALA B 27 -8.59 8.57 -12.57
CA ALA B 27 -9.03 8.65 -11.18
C ALA B 27 -8.07 7.84 -10.35
N HIS B 28 -7.58 8.42 -9.27
CA HIS B 28 -6.84 7.61 -8.29
C HIS B 28 -7.70 6.51 -7.69
N THR B 29 -7.15 5.27 -7.63
CA THR B 29 -7.86 4.20 -6.96
C THR B 29 -7.10 3.52 -5.80
N CYS B 30 -5.77 3.46 -5.91
CA CYS B 30 -4.92 2.73 -4.93
C CYS B 30 -3.55 3.26 -4.90
N GLY B 31 -2.83 2.88 -3.86
CA GLY B 31 -1.39 3.16 -3.83
C GLY B 31 -0.62 1.96 -4.36
N GLY B 32 0.69 2.15 -4.43
CA GLY B 32 1.65 1.09 -4.80
C GLY B 32 3.03 1.54 -4.38
N THR B 33 3.99 0.63 -4.52
CA THR B 33 5.39 0.91 -4.18
C THR B 33 6.21 0.59 -5.41
N LEU B 34 7.01 1.55 -5.85
CA LEU B 34 7.91 1.31 -6.98
C LEU B 34 9.01 0.39 -6.46
N ILE B 35 9.17 -0.80 -7.03
CA ILE B 35 10.22 -1.68 -6.55
C ILE B 35 11.37 -1.93 -7.55
N ARG B 36 11.12 -1.69 -8.85
CA ARG B 36 12.15 -1.65 -9.91
C ARG B 36 11.76 -0.46 -10.76
N GLN B 37 12.67 0.00 -11.62
CA GLN B 37 12.30 1.12 -12.46
C GLN B 37 11.11 0.80 -13.35
N ASN B 38 10.85 -0.48 -13.58
CA ASN B 38 9.67 -0.84 -14.39
C ASN B 38 8.71 -1.82 -13.69
N TRP B 39 8.75 -1.88 -12.36
CA TRP B 39 7.81 -2.74 -11.61
C TRP B 39 7.27 -2.02 -10.37
N VAL B 40 5.96 -2.18 -10.17
CA VAL B 40 5.27 -1.69 -8.99
C VAL B 40 4.60 -2.81 -8.24
N MET B 41 4.72 -2.79 -6.91
CA MET B 41 4.06 -3.70 -6.06
C MET B 41 2.81 -3.02 -5.48
N THR B 42 1.67 -3.70 -5.62
CA THR B 42 0.42 -3.18 -5.14
C THR B 42 -0.43 -4.35 -4.57
N ALA B 43 -1.69 -4.05 -4.27
CA ALA B 43 -2.60 -5.08 -3.73
C ALA B 43 -3.32 -5.77 -4.90
N ALA B 44 -3.48 -7.08 -4.83
CA ALA B 44 -4.28 -7.80 -5.84
C ALA B 44 -5.65 -7.21 -6.00
N HIS B 45 -6.30 -6.85 -4.88
CA HIS B 45 -7.67 -6.38 -4.97
C HIS B 45 -7.81 -5.08 -5.73
N CYS B 46 -6.69 -4.33 -5.86
CA CYS B 46 -6.73 -3.07 -6.57
C CYS B 46 -6.89 -3.29 -8.07
N VAL B 47 -6.51 -4.49 -8.53
CA VAL B 47 -6.52 -4.72 -9.98
C VAL B 47 -7.44 -5.87 -10.38
N ASP B 48 -8.44 -6.15 -9.52
CA ASP B 48 -9.53 -7.13 -9.92
C ASP B 48 -10.37 -6.58 -11.08
N ARG B 49 -10.69 -5.28 -11.04
CA ARG B 49 -11.55 -4.73 -12.10
C ARG B 49 -10.86 -4.72 -13.46
N GLU B 50 -11.64 -4.98 -14.50
CA GLU B 50 -11.14 -4.94 -15.88
C GLU B 50 -10.90 -3.54 -16.41
N LEU B 51 -10.16 -2.74 -15.68
CA LEU B 51 -9.96 -1.33 -16.04
C LEU B 51 -8.64 -1.09 -16.74
N THR B 52 -8.49 0.11 -17.33
CA THR B 52 -7.22 0.53 -17.87
C THR B 52 -6.49 1.26 -16.76
N PHE B 53 -5.26 0.85 -16.46
CA PHE B 53 -4.54 1.46 -15.33
C PHE B 53 -3.30 2.21 -15.78
N ARG B 54 -2.94 3.25 -15.04
CA ARG B 54 -1.62 3.86 -15.20
C ARG B 54 -1.07 4.08 -13.83
N VAL B 55 0.25 4.27 -13.79
CA VAL B 55 0.96 4.55 -12.55
C VAL B 55 1.50 5.94 -12.65
N VAL B 56 1.39 6.71 -11.58
CA VAL B 56 2.06 8.03 -11.52
C VAL B 56 3.12 7.97 -10.43
N VAL B 57 4.37 8.28 -10.80
CA VAL B 57 5.45 8.34 -9.83
C VAL B 57 5.79 9.81 -9.66
N GLY B 58 6.44 10.18 -8.55
CA GLY B 58 6.79 11.61 -8.35
C GLY B 58 5.53 12.44 -8.12
N GLU B 59 4.48 11.78 -7.61
CA GLU B 59 3.22 12.49 -7.39
C GLU B 59 3.11 12.98 -5.95
N HIS B 60 2.57 14.20 -5.75
CA HIS B 60 2.34 14.71 -4.39
C HIS B 60 0.89 15.20 -4.21
N ASN B 61 0.46 16.05 -5.14
CA ASN B 61 -0.92 16.54 -5.10
C ASN B 61 -1.67 16.01 -6.30
N LEU B 62 -2.71 15.23 -6.06
CA LEU B 62 -3.46 14.62 -7.18
C LEU B 62 -4.18 15.64 -8.04
N ASN B 63 -4.42 16.80 -7.45
CA ASN B 63 -5.27 17.84 -8.07
C ASN B 63 -4.51 19.02 -8.68
N GLN B 64 -3.18 19.02 -8.58
CA GLN B 64 -2.38 20.09 -9.14
C GLN B 64 -1.01 19.64 -9.66
N ASN B 65 -0.48 20.39 -10.63
CA ASN B 65 0.79 20.07 -11.24
C ASN B 65 1.89 20.32 -10.24
N ASN B 66 2.65 19.27 -9.95
CA ASN B 66 3.76 19.34 -8.97
C ASN B 66 5.10 19.62 -9.61
N GLY B 67 5.15 19.42 -10.93
CA GLY B 67 6.40 19.61 -11.67
C GLY B 67 7.36 18.45 -11.56
N THR B 68 6.90 17.33 -11.00
CA THR B 68 7.77 16.22 -10.70
C THR B 68 7.20 14.88 -11.19
N GLU B 69 5.96 14.89 -11.69
CA GLU B 69 5.27 13.61 -12.03
C GLU B 69 5.84 12.94 -13.30
N GLN B 70 5.84 11.60 -13.32
CA GLN B 70 6.03 10.81 -14.54
C GLN B 70 4.82 9.86 -14.63
N TYR B 71 4.20 9.81 -15.80
CA TYR B 71 2.98 9.01 -15.99
C TYR B 71 3.34 7.83 -16.92
N VAL B 72 2.99 6.61 -16.51
CA VAL B 72 3.37 5.42 -17.29
C VAL B 72 2.27 4.40 -17.31
N GLY B 73 2.00 3.84 -18.50
CA GLY B 73 0.98 2.81 -18.55
C GLY B 73 1.41 1.50 -17.88
N VAL B 74 0.43 0.68 -17.51
CA VAL B 74 0.65 -0.68 -17.02
C VAL B 74 0.59 -1.67 -18.18
N GLN B 75 1.68 -2.40 -18.35
CA GLN B 75 1.86 -3.31 -19.48
C GLN B 75 1.49 -4.75 -19.14
N LYS B 76 1.69 -5.17 -17.90
CA LYS B 76 1.34 -6.52 -17.52
C LYS B 76 0.99 -6.56 -16.04
N ILE B 77 -0.02 -7.34 -15.69
CA ILE B 77 -0.44 -7.43 -14.29
C ILE B 77 -0.31 -8.86 -13.85
N VAL B 78 0.51 -9.08 -12.82
CA VAL B 78 0.69 -10.44 -12.29
C VAL B 78 0.13 -10.51 -10.90
N VAL B 79 -1.03 -11.14 -10.76
CA VAL B 79 -1.61 -11.24 -9.40
C VAL B 79 -1.10 -12.51 -8.74
N HIS B 80 -0.97 -12.51 -7.42
CA HIS B 80 -0.57 -13.75 -6.79
C HIS B 80 -1.58 -14.83 -7.17
N PRO B 81 -1.08 -15.99 -7.63
CA PRO B 81 -1.98 -17.05 -8.07
C PRO B 81 -2.92 -17.62 -7.02
N TYR B 82 -2.68 -17.38 -5.71
CA TYR B 82 -3.60 -17.88 -4.71
C TYR B 82 -4.64 -16.86 -4.28
N TRP B 83 -4.56 -15.62 -4.80
CA TRP B 83 -5.54 -14.56 -4.51
C TRP B 83 -6.94 -14.99 -4.89
N ASN B 84 -7.89 -14.70 -4.01
CA ASN B 84 -9.30 -14.97 -4.32
C ASN B 84 -10.08 -13.72 -3.93
N THR B 85 -10.66 -13.04 -4.90
CA THR B 85 -11.39 -11.78 -4.66
C THR B 85 -12.51 -11.84 -3.61
N ASP B 86 -13.10 -13.00 -3.44
CA ASP B 86 -14.22 -13.17 -2.53
C ASP B 86 -13.77 -13.49 -1.10
N ASP B 87 -12.45 -13.41 -0.85
CA ASP B 87 -11.83 -13.89 0.39
C ASP B 87 -10.56 -13.07 0.74
N VAL B 88 -10.69 -11.77 0.97
CA VAL B 88 -9.49 -10.96 1.30
C VAL B 88 -8.80 -11.47 2.56
N ALA B 89 -9.59 -12.05 3.48
CA ALA B 89 -9.06 -12.54 4.75
C ALA B 89 -8.15 -13.76 4.59
N ALA B 90 -8.21 -14.44 3.44
CA ALA B 90 -7.33 -15.60 3.14
C ALA B 90 -5.88 -15.13 2.90
N GLY B 91 -5.74 -13.85 2.55
CA GLY B 91 -4.44 -13.25 2.26
C GLY B 91 -4.13 -13.29 0.77
N TYR B 92 -2.83 -13.25 0.45
CA TYR B 92 -2.37 -13.26 -0.94
C TYR B 92 -2.76 -11.97 -1.67
N ASP B 93 -3.03 -10.90 -0.92
CA ASP B 93 -3.49 -9.62 -1.53
C ASP B 93 -2.28 -8.85 -2.02
N ILE B 94 -1.71 -9.31 -3.13
CA ILE B 94 -0.47 -8.69 -3.64
C ILE B 94 -0.40 -8.95 -5.15
N ALA B 95 0.13 -7.97 -5.87
CA ALA B 95 0.20 -8.05 -7.34
C ALA B 95 1.36 -7.22 -7.76
N LEU B 96 1.96 -7.60 -8.89
CA LEU B 96 3.09 -6.83 -9.42
C LEU B 96 2.67 -6.28 -10.78
N LEU B 97 2.98 -5.01 -11.02
CA LEU B 97 2.62 -4.39 -12.31
C LEU B 97 3.89 -4.11 -13.07
N ARG B 98 4.05 -4.67 -14.27
CA ARG B 98 5.16 -4.29 -15.11
C ARG B 98 4.76 -3.00 -15.90
N LEU B 99 5.58 -1.95 -15.81
CA LEU B 99 5.28 -0.66 -16.43
C LEU B 99 5.70 -0.69 -17.89
N ALA B 100 5.02 0.11 -18.69
CA ALA B 100 5.34 0.10 -20.16
C ALA B 100 6.72 0.76 -20.48
N GLN B 101 7.16 1.64 -19.61
CA GLN B 101 8.45 2.28 -19.72
C GLN B 101 9.12 2.24 -18.36
N SER B 102 10.46 2.29 -18.34
CA SER B 102 11.18 2.45 -17.09
C SER B 102 11.19 3.91 -16.69
N VAL B 103 10.80 4.18 -15.45
CA VAL B 103 10.78 5.54 -14.95
C VAL B 103 12.19 6.00 -14.53
N THR B 104 12.36 7.33 -14.47
CA THR B 104 13.65 7.95 -14.17
C THR B 104 13.72 8.27 -12.67
N LEU B 105 14.79 7.86 -12.01
CA LEU B 105 14.89 8.06 -10.57
C LEU B 105 15.47 9.43 -10.23
N ASN B 106 14.98 10.02 -9.15
CA ASN B 106 15.43 11.29 -8.65
C ASN B 106 14.97 11.43 -7.20
N SER B 107 15.03 12.65 -6.62
CA SER B 107 14.63 12.83 -5.23
C SER B 107 13.18 12.47 -4.95
N TYR B 108 12.34 12.46 -6.01
CA TYR B 108 10.92 12.20 -5.89
C TYR B 108 10.52 10.79 -6.32
N VAL B 109 11.46 10.05 -6.91
CA VAL B 109 11.18 8.76 -7.53
C VAL B 109 12.33 7.85 -7.17
N GLN B 110 12.08 6.91 -6.25
CA GLN B 110 13.15 5.98 -5.83
C GLN B 110 12.54 4.61 -5.62
N LEU B 111 13.36 3.57 -5.70
CA LEU B 111 12.86 2.22 -5.38
C LEU B 111 12.62 2.03 -3.89
N GLY B 112 11.54 1.34 -3.54
CA GLY B 112 11.28 1.04 -2.14
C GLY B 112 12.17 -0.09 -1.71
N VAL B 113 12.73 0.01 -0.50
CA VAL B 113 13.57 -1.02 0.07
C VAL B 113 12.68 -2.10 0.69
N LEU B 114 12.90 -3.37 0.35
CA LEU B 114 12.02 -4.44 0.87
C LEU B 114 12.78 -5.16 2.01
N PRO B 115 12.05 -5.71 2.97
CA PRO B 115 12.68 -6.44 4.05
C PRO B 115 13.23 -7.74 3.58
N ARG B 116 14.17 -8.30 4.38
CA ARG B 116 14.64 -9.63 4.03
C ARG B 116 13.48 -10.62 4.28
N ALA B 117 13.46 -11.69 3.48
CA ALA B 117 12.44 -12.75 3.61
C ALA B 117 12.28 -13.28 5.03
N GLY B 118 11.04 -13.36 5.49
CA GLY B 118 10.72 -13.97 6.76
C GLY B 118 10.72 -13.00 7.94
N THR B 119 11.18 -11.77 7.69
CA THR B 119 11.35 -10.82 8.82
C THR B 119 10.04 -10.49 9.45
N ILE B 120 9.97 -10.57 10.79
CA ILE B 120 8.76 -10.20 11.52
C ILE B 120 9.16 -9.08 12.44
N LEU B 121 8.36 -8.01 12.50
CA LEU B 121 8.68 -6.91 13.41
C LEU B 121 8.17 -7.17 14.82
N ALA B 122 8.94 -6.69 15.80
CA ALA B 122 8.49 -6.79 17.20
C ALA B 122 7.19 -5.98 17.36
N ASN B 123 6.37 -6.38 18.32
CA ASN B 123 5.14 -5.64 18.62
C ASN B 123 5.49 -4.18 18.85
N ASN B 124 4.57 -3.30 18.44
CA ASN B 124 4.75 -1.83 18.63
C ASN B 124 5.94 -1.21 17.88
N SER B 125 6.35 -1.82 16.76
CA SER B 125 7.43 -1.26 15.95
C SER B 125 6.94 -0.02 15.22
N PRO B 126 7.80 1.00 15.12
CA PRO B 126 7.43 2.27 14.48
C PRO B 126 7.31 2.20 12.95
N CYS B 127 6.12 2.57 12.47
CA CYS B 127 5.84 2.55 11.01
C CYS B 127 4.96 3.71 10.63
N TYR B 128 5.01 4.07 9.36
CA TYR B 128 4.08 5.10 8.82
C TYR B 128 3.32 4.47 7.66
N ILE B 129 2.01 4.70 7.59
CA ILE B 129 1.26 4.39 6.35
C ILE B 129 1.26 5.68 5.54
N THR B 130 1.34 5.58 4.21
CA THR B 130 1.18 6.75 3.38
C THR B 130 0.13 6.51 2.31
N GLY B 131 -0.55 7.58 1.89
CA GLY B 131 -1.44 7.42 0.76
C GLY B 131 -2.37 8.59 0.54
N TRP B 132 -3.17 8.49 -0.51
CA TRP B 132 -4.16 9.55 -0.79
C TRP B 132 -5.58 9.10 -0.49
N GLY B 133 -5.72 8.01 0.25
CA GLY B 133 -7.03 7.45 0.58
C GLY B 133 -7.89 8.42 1.39
N LEU B 134 -9.15 8.01 1.62
CA LEU B 134 -10.13 8.85 2.38
C LEU B 134 -9.53 9.34 3.68
N THR B 135 -9.82 10.61 4.01
CA THR B 135 -9.26 11.22 5.22
C THR B 135 -10.23 11.05 6.39
N ARG B 136 -11.41 10.50 6.09
CA ARG B 136 -12.40 10.06 7.09
C ARG B 136 -13.18 8.87 6.55
N THR B 137 -13.70 8.06 7.46
CA THR B 137 -14.59 6.96 7.07
C THR B 137 -15.71 7.58 6.25
N ASN B 138 -16.03 6.96 5.11
CA ASN B 138 -17.09 7.51 4.21
C ASN B 138 -16.82 8.98 3.81
N GLY B 139 -15.54 9.36 3.74
CA GLY B 139 -15.13 10.74 3.41
C GLY B 139 -14.68 10.84 1.96
N GLN B 140 -13.66 11.65 1.75
CA GLN B 140 -13.12 11.85 0.39
C GLN B 140 -11.62 11.66 0.35
N LEU B 141 -11.11 11.39 -0.84
CA LEU B 141 -9.65 11.25 -0.99
C LEU B 141 -8.93 12.51 -0.57
N ALA B 142 -7.69 12.34 -0.13
CA ALA B 142 -6.77 13.47 0.10
C ALA B 142 -6.37 14.08 -1.23
N GLN B 143 -6.14 15.37 -1.24
CA GLN B 143 -5.41 15.97 -2.38
C GLN B 143 -3.91 15.72 -2.26
N THR B 144 -3.33 15.97 -1.08
CA THR B 144 -1.89 15.83 -0.95
C THR B 144 -1.57 14.51 -0.23
N LEU B 145 -0.43 13.92 -0.56
CA LEU B 145 -0.06 12.63 0.09
C LEU B 145 -0.06 12.77 1.61
N GLN B 146 -0.66 11.79 2.29
CA GLN B 146 -0.72 11.88 3.76
C GLN B 146 0.12 10.77 4.38
N GLN B 147 0.59 11.00 5.61
CA GLN B 147 1.24 9.94 6.39
C GLN B 147 0.58 9.85 7.77
N ALA B 148 0.60 8.66 8.36
CA ALA B 148 0.13 8.52 9.73
C ALA B 148 1.00 7.51 10.45
N TYR B 149 1.32 7.79 11.73
CA TYR B 149 2.21 6.93 12.47
C TYR B 149 1.33 5.77 12.98
N LEU B 150 1.64 4.53 12.57
CA LEU B 150 0.86 3.37 12.93
C LEU B 150 1.82 2.30 13.43
N PRO B 151 1.98 2.18 14.75
CA PRO B 151 2.89 1.11 15.28
C PRO B 151 2.31 -0.27 15.05
N THR B 152 3.17 -1.27 14.81
CA THR B 152 2.64 -2.59 14.57
C THR B 152 1.92 -3.16 15.80
N VAL B 153 1.02 -4.09 15.51
CA VAL B 153 0.36 -4.93 16.52
C VAL B 153 0.69 -6.35 16.09
N ASP B 154 1.44 -7.07 16.91
CA ASP B 154 1.92 -8.39 16.50
C ASP B 154 0.81 -9.42 16.28
N TYR B 155 1.16 -10.53 15.63
CA TYR B 155 0.16 -11.56 15.32
C TYR B 155 -0.64 -12.06 16.52
N ALA B 156 0.04 -12.38 17.63
CA ALA B 156 -0.65 -12.87 18.82
C ALA B 156 -1.77 -11.94 19.27
N ILE B 157 -1.47 -10.64 19.30
CA ILE B 157 -2.45 -9.64 19.74
C ILE B 157 -3.48 -9.44 18.63
N CYS B 158 -2.98 -9.29 17.40
CA CYS B 158 -3.88 -8.93 16.30
C CYS B 158 -4.92 -10.00 16.00
N SER B 159 -4.55 -11.27 16.22
CA SER B 159 -5.47 -12.37 15.95
C SER B 159 -6.25 -12.75 17.21
N SER B 160 -6.10 -11.98 18.29
CA SER B 160 -6.89 -12.23 19.50
C SER B 160 -8.35 -11.81 19.28
N SER B 161 -9.26 -12.23 20.17
CA SER B 161 -10.70 -12.11 19.91
C SER B 161 -11.24 -10.66 19.78
N SER B 162 -10.72 -9.75 20.60
CA SER B 162 -11.21 -8.38 20.57
C SER B 162 -10.59 -7.58 19.42
N TYR B 163 -9.51 -8.10 18.85
CA TYR B 163 -8.93 -7.49 17.62
C TYR B 163 -9.56 -8.08 16.37
N TRP B 164 -8.77 -8.71 15.51
CA TRP B 164 -9.27 -9.30 14.28
C TRP B 164 -9.57 -10.79 14.32
N GLY B 165 -9.24 -11.46 15.43
CA GLY B 165 -9.51 -12.89 15.51
C GLY B 165 -8.91 -13.64 14.33
N SER B 166 -9.65 -14.63 13.83
CA SER B 166 -9.21 -15.56 12.76
C SER B 166 -9.01 -14.89 11.39
N THR B 167 -9.52 -13.67 11.29
CA THR B 167 -9.50 -12.90 10.05
C THR B 167 -8.03 -12.57 9.68
N VAL B 168 -7.23 -12.28 10.70
CA VAL B 168 -5.80 -11.98 10.42
C VAL B 168 -4.94 -13.23 10.34
N LYS B 169 -4.06 -13.30 9.35
CA LYS B 169 -3.19 -14.46 9.15
C LYS B 169 -1.76 -14.03 9.45
N ASN B 170 -0.88 -15.00 9.67
CA ASN B 170 0.55 -14.63 9.87
C ASN B 170 1.25 -14.11 8.61
N SER B 171 0.58 -14.20 7.44
CA SER B 171 1.08 -13.58 6.21
C SER B 171 0.70 -12.10 6.16
N MET B 172 0.17 -11.56 7.26
CA MET B 172 -0.23 -10.15 7.28
C MET B 172 0.52 -9.40 8.38
N VAL B 173 0.55 -8.08 8.26
CA VAL B 173 1.05 -7.20 9.31
C VAL B 173 -0.14 -6.35 9.71
N CYS B 174 -0.38 -6.20 11.02
CA CYS B 174 -1.37 -5.24 11.52
C CYS B 174 -0.64 -4.01 12.03
N ALA B 175 -1.25 -2.84 11.90
CA ALA B 175 -0.66 -1.64 12.45
C ALA B 175 -1.71 -0.63 12.80
N GLY B 176 -1.52 0.04 13.94
CA GLY B 176 -2.46 1.09 14.37
C GLY B 176 -3.53 0.53 15.33
N GLY B 177 -4.79 0.81 15.00
CA GLY B 177 -5.92 0.40 15.85
C GLY B 177 -6.22 1.35 17.00
N ASP B 178 -5.69 2.57 16.95
CA ASP B 178 -5.90 3.52 18.09
C ASP B 178 -7.25 4.25 18.10
N GLY B 179 -8.00 4.03 17.01
CA GLY B 179 -9.33 4.65 16.79
C GLY B 179 -9.30 6.06 16.24
N VAL B 180 -8.10 6.57 15.95
CA VAL B 180 -7.89 7.93 15.47
C VAL B 180 -7.24 7.92 14.08
N ARG B 181 -6.20 7.10 13.92
CA ARG B 181 -5.39 7.09 12.69
C ARG B 181 -5.49 5.74 12.04
N SER B 182 -5.52 5.72 10.71
CA SER B 182 -5.75 4.44 10.02
C SER B 182 -5.54 4.61 8.53
N GLY B 183 -5.41 3.51 7.81
CA GLY B 183 -5.62 3.63 6.34
C GLY B 183 -7.11 3.73 6.10
N CYS B 184 -7.50 4.01 4.84
CA CYS B 184 -8.93 4.08 4.52
C CYS B 184 -9.00 3.91 2.99
N GLN B 185 -10.21 3.84 2.44
CA GLN B 185 -10.33 3.46 1.02
C GLN B 185 -9.47 4.38 0.15
N GLY B 186 -8.74 3.77 -0.79
CA GLY B 186 -7.86 4.57 -1.63
C GLY B 186 -6.38 4.47 -1.19
N ASP B 187 -6.16 3.92 0.00
CA ASP B 187 -4.75 3.68 0.45
C ASP B 187 -4.29 2.29 0.10
N SER B 188 -5.27 1.41 -0.19
CA SER B 188 -4.97 0.02 -0.52
C SER B 188 -3.86 -0.07 -1.54
N GLY B 189 -3.00 -1.06 -1.38
CA GLY B 189 -1.90 -1.26 -2.33
C GLY B 189 -0.64 -0.49 -2.01
N GLY B 190 -0.79 0.59 -1.25
CA GLY B 190 0.38 1.38 -0.86
C GLY B 190 1.20 0.75 0.24
N PRO B 191 2.30 1.40 0.58
CA PRO B 191 3.30 0.97 1.53
C PRO B 191 2.93 1.20 2.99
N LEU B 192 3.43 0.29 3.83
CA LEU B 192 3.64 0.58 5.24
C LEU B 192 5.14 0.61 5.40
N HIS B 193 5.69 1.77 5.77
CA HIS B 193 7.14 1.96 5.87
C HIS B 193 7.55 1.82 7.33
N CYS B 194 8.46 0.90 7.62
CA CYS B 194 8.85 0.67 9.01
C CYS B 194 10.33 0.85 9.21
N LEU B 195 10.71 1.53 10.30
CA LEU B 195 12.10 1.86 10.56
C LEU B 195 12.77 0.67 11.23
N VAL B 196 13.79 0.11 10.58
CA VAL B 196 14.51 -1.02 11.12
C VAL B 196 16.00 -0.80 10.86
N ASN B 197 16.81 -0.90 11.91
CA ASN B 197 18.26 -0.66 11.80
C ASN B 197 18.57 0.67 11.08
N GLY B 198 17.80 1.70 11.42
CA GLY B 198 18.04 3.03 10.89
C GLY B 198 17.50 3.35 9.51
N GLN B 199 16.92 2.35 8.82
CA GLN B 199 16.47 2.51 7.44
C GLN B 199 14.98 2.14 7.37
N TYR B 200 14.18 2.95 6.71
CA TYR B 200 12.77 2.60 6.46
C TYR B 200 12.75 1.52 5.36
N ALA B 201 11.93 0.47 5.55
CA ALA B 201 11.68 -0.46 4.49
C ALA B 201 10.20 -0.67 4.39
N VAL B 202 9.74 -1.19 3.25
CA VAL B 202 8.30 -1.36 3.06
C VAL B 202 7.92 -2.75 3.52
N HIS B 203 7.37 -2.83 4.75
CA HIS B 203 6.95 -4.10 5.35
C HIS B 203 5.55 -4.54 5.01
N GLY B 204 4.71 -3.59 4.57
CA GLY B 204 3.30 -3.96 4.26
C GLY B 204 2.81 -3.39 2.97
N VAL B 205 1.81 -4.05 2.38
CA VAL B 205 1.00 -3.55 1.27
C VAL B 205 -0.42 -3.41 1.83
N THR B 206 -0.91 -2.18 1.89
CA THR B 206 -2.21 -1.96 2.54
C THR B 206 -3.31 -2.82 1.92
N SER B 207 -4.02 -3.55 2.78
CA SER B 207 -5.01 -4.52 2.29
C SER B 207 -6.46 -4.24 2.71
N PHE B 208 -6.72 -4.18 4.03
CA PHE B 208 -8.09 -3.97 4.46
C PHE B 208 -8.23 -3.33 5.82
N VAL B 209 -9.43 -2.76 6.02
CA VAL B 209 -9.84 -2.25 7.31
C VAL B 209 -11.21 -2.87 7.64
N SER B 210 -11.74 -2.51 8.81
CA SER B 210 -13.04 -3.03 9.25
C SER B 210 -14.17 -2.55 8.33
N ARG B 211 -15.19 -3.39 8.13
CA ARG B 211 -16.44 -2.95 7.47
C ARG B 211 -17.15 -1.90 8.29
N LEU B 212 -16.82 -1.84 9.59
CA LEU B 212 -17.41 -0.84 10.51
C LEU B 212 -16.88 0.57 10.24
N GLY B 213 -15.65 0.67 9.77
CA GLY B 213 -15.07 2.00 9.53
C GLY B 213 -13.55 1.89 9.44
N CYS B 214 -12.92 2.97 9.00
CA CYS B 214 -11.47 2.96 8.84
C CYS B 214 -10.74 2.99 10.20
N ASN B 215 -10.96 4.05 10.97
CA ASN B 215 -10.31 4.23 12.28
C ASN B 215 -11.22 3.70 13.37
N VAL B 216 -11.05 2.42 13.67
CA VAL B 216 -11.85 1.73 14.66
C VAL B 216 -10.92 1.12 15.70
N THR B 217 -11.16 1.43 16.98
CA THR B 217 -10.26 0.95 18.04
C THR B 217 -10.23 -0.57 18.02
N ARG B 218 -9.00 -1.11 18.09
CA ARG B 218 -8.73 -2.56 18.06
C ARG B 218 -9.08 -3.23 16.72
N LYS B 219 -9.24 -2.41 15.68
CA LYS B 219 -9.29 -2.91 14.31
C LYS B 219 -8.19 -2.19 13.56
N PRO B 220 -6.93 -2.55 13.87
CA PRO B 220 -5.81 -1.93 13.16
C PRO B 220 -5.88 -2.19 11.66
N THR B 221 -5.28 -1.29 10.88
CA THR B 221 -5.21 -1.51 9.45
C THR B 221 -4.39 -2.78 9.20
N VAL B 222 -4.84 -3.57 8.22
CA VAL B 222 -4.16 -4.83 7.90
C VAL B 222 -3.48 -4.72 6.52
N PHE B 223 -2.24 -5.24 6.47
CA PHE B 223 -1.36 -5.18 5.32
C PHE B 223 -0.89 -6.56 4.97
N THR B 224 -0.72 -6.81 3.69
CA THR B 224 -0.03 -8.04 3.28
C THR B 224 1.42 -7.93 3.74
N ARG B 225 1.95 -9.01 4.35
CA ARG B 225 3.32 -8.95 4.87
C ARG B 225 4.30 -9.13 3.75
N VAL B 226 4.97 -8.06 3.35
CA VAL B 226 5.91 -8.14 2.22
C VAL B 226 6.93 -9.25 2.38
N SER B 227 7.42 -9.40 3.61
CA SER B 227 8.51 -10.36 3.80
C SER B 227 8.08 -11.81 3.64
N ALA B 228 6.77 -12.05 3.51
CA ALA B 228 6.25 -13.40 3.22
C ALA B 228 6.28 -13.73 1.74
N TYR B 229 6.57 -12.71 0.92
CA TYR B 229 6.47 -12.84 -0.54
C TYR B 229 7.76 -12.54 -1.31
N ILE B 230 8.91 -12.46 -0.62
CA ILE B 230 10.12 -12.04 -1.31
C ILE B 230 10.48 -13.01 -2.43
N SER B 231 10.36 -14.32 -2.17
CA SER B 231 10.64 -15.29 -3.25
C SER B 231 9.68 -15.19 -4.41
N TRP B 232 8.40 -15.02 -4.10
CA TRP B 232 7.40 -14.85 -5.12
C TRP B 232 7.72 -13.63 -6.00
N ILE B 233 7.98 -12.48 -5.34
CA ILE B 233 8.33 -11.24 -6.04
C ILE B 233 9.53 -11.48 -6.95
N ASN B 234 10.62 -12.00 -6.39
CA ASN B 234 11.83 -12.25 -7.21
C ASN B 234 11.53 -13.16 -8.40
N ASN B 235 10.74 -14.20 -8.15
CA ASN B 235 10.38 -15.15 -9.23
C ASN B 235 9.60 -14.50 -10.34
N VAL B 236 8.68 -13.62 -9.97
CA VAL B 236 7.91 -12.94 -11.00
C VAL B 236 8.77 -12.01 -11.83
N ILE B 237 9.61 -11.25 -11.18
CA ILE B 237 10.44 -10.27 -11.91
C ILE B 237 11.39 -11.01 -12.85
N ALA B 238 11.97 -12.11 -12.34
CA ALA B 238 12.90 -12.98 -13.09
C ALA B 238 12.25 -13.61 -14.33
N SER B 239 10.99 -13.97 -14.22
CA SER B 239 10.28 -14.64 -15.32
C SER B 239 9.51 -13.69 -16.26
N ASN B 240 9.54 -12.40 -15.98
CA ASN B 240 8.80 -11.41 -16.80
C ASN B 240 9.70 -10.25 -17.24
CA CA C . 0.26 16.34 -9.11
S SO4 D . 7.53 -15.78 6.00
O1 SO4 D . 6.12 -16.02 6.33
O2 SO4 D . 8.35 -16.24 7.13
O3 SO4 D . 7.80 -14.37 5.72
O4 SO4 D . 7.85 -16.56 4.80
#